data_4GSV
#
_entry.id   4GSV
#
_cell.length_a   90.711
_cell.length_b   90.711
_cell.length_c   69.658
_cell.angle_alpha   90.00
_cell.angle_beta   90.00
_cell.angle_gamma   120.00
#
_symmetry.space_group_name_H-M   'P 3'
#
loop_
_entity.id
_entity.type
_entity.pdbx_description
1 polymer Arginase-1
2 non-polymer 'NICKEL (II) ION'
3 non-polymer '2(S)-AMINO-6-BORONOHEXANOIC ACID'
4 water water
#
_entity_poly.entity_id   1
_entity_poly.type   'polypeptide(L)'
_entity_poly.pdbx_seq_one_letter_code
;MSAKSRTIGIIGAPFSKGQPRGGVEEGPTVLRKAGLLEKLKEQECDVKDYGDLPFADIPNDSPFQIVKNPRSVGKASEQL
AGKVAEVKKNGRISLVLGGDHSLAIGSISGHARVHPDLGVIWVDAHTDINTPLTTTSGNLHGQPVSFLLKELKGKIPDVP
GFSWVTPCISAKDIVYIGLRDVDPGEHYILKTLGIKYFSMTEVDRLGIGKVMEETLSYLLGRKKRPIHLSFDVDGLDPSF
TPATGTPVVGGLTYREGLYITEEIYKTGLLSGLDIMEVNPSLGKTPEEVTRTVNTAVAITLACFGLAREGNHKPIDYLNP
PK
;
_entity_poly.pdbx_strand_id   A,B
#
loop_
_chem_comp.id
_chem_comp.type
_chem_comp.name
_chem_comp.formula
ABH non-polymer '2(S)-AMINO-6-BORONOHEXANOIC ACID' 'C6 H15 B N O5 -1'
NI non-polymer 'NICKEL (II) ION' 'Ni 2'
#
# COMPACT_ATOMS: atom_id res chain seq x y z
N ARG A 6 -11.12 27.10 -15.48
CA ARG A 6 -11.45 25.71 -15.89
C ARG A 6 -12.90 25.58 -16.39
N THR A 7 -13.22 24.40 -16.93
CA THR A 7 -14.55 24.11 -17.45
C THR A 7 -15.26 23.23 -16.41
N ILE A 8 -16.25 23.83 -15.75
CA ILE A 8 -16.97 23.18 -14.67
C ILE A 8 -18.40 22.75 -14.94
N GLY A 9 -18.75 21.60 -14.36
CA GLY A 9 -20.09 21.07 -14.47
C GLY A 9 -20.57 20.89 -13.05
N ILE A 10 -21.47 21.77 -12.62
CA ILE A 10 -21.99 21.70 -11.25
C ILE A 10 -23.13 20.70 -11.10
N ILE A 11 -23.08 19.94 -10.01
CA ILE A 11 -24.08 18.92 -9.71
C ILE A 11 -24.51 19.05 -8.27
N GLY A 12 -25.75 19.48 -8.05
CA GLY A 12 -26.24 19.59 -6.68
C GLY A 12 -26.71 18.22 -6.23
N ALA A 13 -26.31 17.79 -5.02
CA ALA A 13 -26.72 16.49 -4.50
C ALA A 13 -27.28 16.62 -3.09
N PRO A 14 -28.54 17.05 -2.96
CA PRO A 14 -29.20 17.20 -1.65
C PRO A 14 -29.56 15.87 -1.02
N PHE A 15 -28.55 15.20 -0.45
CA PHE A 15 -28.74 13.89 0.19
C PHE A 15 -28.15 13.88 1.60
N SER A 16 -28.85 13.23 2.52
CA SER A 16 -28.42 13.16 3.92
C SER A 16 -28.52 11.79 4.60
N LYS A 17 -29.16 10.81 3.96
CA LYS A 17 -29.34 9.49 4.56
C LYS A 17 -28.08 8.68 4.87
N GLY A 18 -26.92 9.29 4.67
CA GLY A 18 -25.66 8.62 4.97
C GLY A 18 -25.28 8.86 6.42
N GLN A 19 -26.08 9.67 7.10
CA GLN A 19 -25.88 10.00 8.51
C GLN A 19 -27.21 10.48 9.11
N PRO A 20 -27.27 10.66 10.44
CA PRO A 20 -28.50 11.09 11.12
C PRO A 20 -29.12 12.47 10.83
N ARG A 21 -28.34 13.54 10.93
CA ARG A 21 -28.85 14.89 10.72
C ARG A 21 -29.34 15.12 9.28
N GLY A 22 -30.50 15.76 9.13
CA GLY A 22 -31.03 15.99 7.80
C GLY A 22 -30.72 17.31 7.09
N GLY A 23 -30.24 18.30 7.84
CA GLY A 23 -29.95 19.60 7.26
C GLY A 23 -28.87 19.66 6.18
N VAL A 24 -28.08 18.60 6.07
CA VAL A 24 -27.01 18.54 5.07
C VAL A 24 -27.61 18.62 3.66
N GLU A 25 -28.89 18.27 3.54
CA GLU A 25 -29.60 18.30 2.26
C GLU A 25 -29.70 19.72 1.70
N GLU A 26 -29.44 20.72 2.54
CA GLU A 26 -29.49 22.12 2.15
C GLU A 26 -28.18 22.66 1.59
N GLY A 27 -27.14 21.84 1.59
CA GLY A 27 -25.85 22.26 1.10
C GLY A 27 -25.92 22.94 -0.26
N PRO A 28 -26.41 22.26 -1.29
CA PRO A 28 -26.50 22.87 -2.62
C PRO A 28 -27.17 24.23 -2.62
N THR A 29 -28.25 24.35 -1.85
CA THR A 29 -29.01 25.59 -1.77
C THR A 29 -28.24 26.77 -1.17
N VAL A 30 -27.68 26.59 0.02
CA VAL A 30 -26.94 27.67 0.65
C VAL A 30 -25.68 28.05 -0.15
N LEU A 31 -25.03 27.07 -0.77
CA LEU A 31 -23.83 27.34 -1.56
C LEU A 31 -24.18 28.16 -2.80
N ARG A 32 -25.28 27.79 -3.46
CA ARG A 32 -25.73 28.52 -4.65
C ARG A 32 -26.15 29.94 -4.27
N LYS A 33 -26.81 30.09 -3.12
CA LYS A 33 -27.26 31.39 -2.65
C LYS A 33 -26.10 32.33 -2.32
N ALA A 34 -24.95 31.76 -1.96
CA ALA A 34 -23.78 32.55 -1.64
C ALA A 34 -23.16 33.09 -2.92
N GLY A 35 -23.75 32.71 -4.05
CA GLY A 35 -23.26 33.18 -5.33
C GLY A 35 -22.11 32.37 -5.91
N LEU A 36 -22.07 31.06 -5.64
CA LEU A 36 -21.00 30.22 -6.14
C LEU A 36 -20.86 30.21 -7.67
N LEU A 37 -21.97 30.09 -8.37
CA LEU A 37 -21.96 30.08 -9.84
C LEU A 37 -21.45 31.41 -10.38
N GLU A 38 -22.09 32.49 -9.94
CA GLU A 38 -21.71 33.82 -10.36
C GLU A 38 -20.21 34.05 -10.12
N LYS A 39 -19.74 33.68 -8.94
CA LYS A 39 -18.33 33.87 -8.58
C LYS A 39 -17.36 33.07 -9.46
N LEU A 40 -17.73 31.84 -9.81
CA LEU A 40 -16.86 31.03 -10.66
C LEU A 40 -16.78 31.68 -12.05
N LYS A 41 -17.91 32.17 -12.53
CA LYS A 41 -17.96 32.82 -13.82
C LYS A 41 -17.14 34.12 -13.79
N GLU A 42 -17.08 34.74 -12.62
CA GLU A 42 -16.31 35.97 -12.45
C GLU A 42 -14.83 35.69 -12.70
N GLN A 43 -14.52 34.41 -12.85
CA GLN A 43 -13.15 33.96 -13.11
C GLN A 43 -13.10 33.46 -14.55
N GLU A 44 -11.96 32.93 -14.97
CA GLU A 44 -11.84 32.40 -16.32
C GLU A 44 -12.55 31.06 -16.38
N CYS A 45 -13.73 30.97 -15.76
CA CYS A 45 -14.48 29.72 -15.70
C CYS A 45 -15.71 29.57 -16.59
N ASP A 46 -15.78 28.43 -17.27
CA ASP A 46 -16.90 28.07 -18.15
C ASP A 46 -17.79 27.17 -17.28
N VAL A 47 -18.90 27.70 -16.80
CA VAL A 47 -19.78 26.96 -15.91
C VAL A 47 -21.13 26.49 -16.46
N LYS A 48 -21.39 25.20 -16.32
CA LYS A 48 -22.64 24.59 -16.75
C LYS A 48 -23.22 23.83 -15.56
N ASP A 49 -24.37 24.29 -15.07
CA ASP A 49 -25.02 23.68 -13.92
C ASP A 49 -26.00 22.60 -14.34
N TYR A 50 -25.77 21.38 -13.85
CA TYR A 50 -26.64 20.25 -14.16
C TYR A 50 -27.79 20.12 -13.17
N GLY A 51 -27.96 21.14 -12.34
CA GLY A 51 -29.03 21.16 -11.35
C GLY A 51 -28.84 20.23 -10.17
N ASP A 52 -29.86 20.16 -9.32
CA ASP A 52 -29.84 19.29 -8.16
C ASP A 52 -30.49 17.96 -8.51
N LEU A 53 -29.78 16.86 -8.27
CA LEU A 53 -30.32 15.55 -8.57
C LEU A 53 -31.51 15.30 -7.65
N PRO A 54 -32.64 14.86 -8.21
CA PRO A 54 -33.83 14.60 -7.42
C PRO A 54 -33.76 13.20 -6.84
N PHE A 55 -33.51 13.12 -5.53
CA PHE A 55 -33.42 11.84 -4.86
C PHE A 55 -34.78 11.42 -4.34
N ALA A 56 -35.33 10.36 -4.93
CA ALA A 56 -36.64 9.86 -4.51
C ALA A 56 -36.54 9.14 -3.19
N ASP A 57 -37.64 9.15 -2.44
CA ASP A 57 -37.70 8.49 -1.14
C ASP A 57 -37.78 6.98 -1.30
N ILE A 58 -37.04 6.24 -0.47
CA ILE A 58 -37.10 4.78 -0.49
C ILE A 58 -37.73 4.46 0.88
N PRO A 59 -39.06 4.59 0.98
CA PRO A 59 -39.83 4.33 2.21
C PRO A 59 -39.46 3.05 2.95
N ASN A 60 -39.26 1.98 2.18
CA ASN A 60 -38.91 0.69 2.76
C ASN A 60 -37.39 0.50 2.69
N ASP A 61 -36.72 0.90 3.76
CA ASP A 61 -35.28 0.81 3.81
C ASP A 61 -34.79 0.49 5.22
N SER A 62 -35.08 -0.72 5.69
CA SER A 62 -34.66 -1.15 7.02
C SER A 62 -33.16 -1.43 7.04
N PRO A 63 -32.54 -1.32 8.21
CA PRO A 63 -31.10 -1.57 8.31
C PRO A 63 -30.65 -2.95 7.83
N PHE A 64 -29.43 -3.00 7.31
CA PHE A 64 -28.83 -4.24 6.88
C PHE A 64 -27.87 -4.42 8.05
N GLN A 65 -28.18 -5.36 8.93
CA GLN A 65 -27.35 -5.55 10.11
C GLN A 65 -27.32 -4.21 10.85
N ILE A 66 -26.14 -3.61 10.96
CA ILE A 66 -26.01 -2.33 11.65
C ILE A 66 -26.10 -1.11 10.71
N VAL A 67 -25.87 -1.33 9.42
CA VAL A 67 -25.89 -0.27 8.40
C VAL A 67 -27.26 0.36 8.15
N LYS A 68 -27.34 1.69 8.28
CA LYS A 68 -28.58 2.42 8.11
C LYS A 68 -28.85 3.05 6.74
N ASN A 69 -30.11 2.99 6.34
CA ASN A 69 -30.59 3.53 5.05
C ASN A 69 -29.74 3.08 3.88
N PRO A 70 -29.36 1.79 3.84
CA PRO A 70 -28.52 1.30 2.74
C PRO A 70 -29.07 1.48 1.32
N ARG A 71 -30.34 1.16 1.10
CA ARG A 71 -30.93 1.28 -0.22
C ARG A 71 -31.01 2.74 -0.68
N SER A 72 -31.32 3.64 0.27
CA SER A 72 -31.42 5.07 -0.03
C SER A 72 -30.05 5.62 -0.39
N VAL A 73 -29.04 5.25 0.39
CA VAL A 73 -27.67 5.69 0.15
C VAL A 73 -27.13 5.07 -1.15
N GLY A 74 -27.35 3.77 -1.33
CA GLY A 74 -26.88 3.10 -2.53
C GLY A 74 -27.49 3.63 -3.81
N LYS A 75 -28.75 4.02 -3.73
CA LYS A 75 -29.47 4.58 -4.88
C LYS A 75 -28.99 5.99 -5.22
N ALA A 76 -28.76 6.80 -4.17
CA ALA A 76 -28.28 8.18 -4.34
C ALA A 76 -26.88 8.21 -4.99
N SER A 77 -26.04 7.24 -4.64
CA SER A 77 -24.69 7.15 -5.19
C SER A 77 -24.74 6.61 -6.62
N GLU A 78 -25.61 5.63 -6.85
CA GLU A 78 -25.73 5.05 -8.18
C GLU A 78 -26.18 6.17 -9.14
N GLN A 79 -27.13 6.97 -8.68
CA GLN A 79 -27.63 8.08 -9.49
C GLN A 79 -26.53 9.11 -9.74
N LEU A 80 -25.87 9.55 -8.68
CA LEU A 80 -24.79 10.52 -8.79
C LEU A 80 -23.69 10.05 -9.73
N ALA A 81 -23.35 8.76 -9.65
CA ALA A 81 -22.31 8.20 -10.51
C ALA A 81 -22.65 8.43 -11.99
N GLY A 82 -23.91 8.21 -12.34
CA GLY A 82 -24.34 8.41 -13.72
C GLY A 82 -24.23 9.86 -14.17
N LYS A 83 -24.60 10.79 -13.31
CA LYS A 83 -24.54 12.21 -13.64
C LYS A 83 -23.08 12.67 -13.79
N VAL A 84 -22.25 12.27 -12.83
CA VAL A 84 -20.82 12.62 -12.86
C VAL A 84 -20.17 12.12 -14.16
N ALA A 85 -20.45 10.88 -14.54
CA ALA A 85 -19.89 10.31 -15.76
C ALA A 85 -20.38 11.10 -16.97
N GLU A 86 -21.59 11.66 -16.86
CA GLU A 86 -22.17 12.45 -17.94
C GLU A 86 -21.38 13.74 -18.12
N VAL A 87 -21.17 14.47 -17.03
CA VAL A 87 -20.42 15.72 -17.10
C VAL A 87 -18.97 15.46 -17.53
N LYS A 88 -18.39 14.32 -17.11
CA LYS A 88 -17.03 14.02 -17.50
C LYS A 88 -16.97 13.76 -19.01
N LYS A 89 -17.99 13.09 -19.55
CA LYS A 89 -18.03 12.83 -20.99
C LYS A 89 -18.18 14.14 -21.75
N ASN A 90 -18.56 15.20 -21.04
CA ASN A 90 -18.75 16.51 -21.64
C ASN A 90 -17.51 17.39 -21.55
N GLY A 91 -16.40 16.79 -21.14
CA GLY A 91 -15.15 17.53 -21.03
C GLY A 91 -15.16 18.59 -19.94
N ARG A 92 -15.89 18.31 -18.86
CA ARG A 92 -15.99 19.24 -17.75
C ARG A 92 -15.56 18.62 -16.43
N ILE A 93 -15.06 19.47 -15.54
CA ILE A 93 -14.64 19.05 -14.20
C ILE A 93 -15.91 18.99 -13.36
N SER A 94 -16.25 17.82 -12.85
CA SER A 94 -17.45 17.67 -12.02
C SER A 94 -17.30 18.31 -10.64
N LEU A 95 -18.27 19.14 -10.26
CA LEU A 95 -18.26 19.80 -8.97
C LEU A 95 -19.52 19.34 -8.24
N VAL A 96 -19.34 18.39 -7.31
CA VAL A 96 -20.48 17.88 -6.58
C VAL A 96 -20.75 18.63 -5.28
N LEU A 97 -21.79 19.48 -5.29
CA LEU A 97 -22.17 20.22 -4.10
C LEU A 97 -22.99 19.21 -3.33
N GLY A 98 -22.40 18.59 -2.32
CA GLY A 98 -23.15 17.57 -1.65
C GLY A 98 -23.84 17.76 -0.33
N GLY A 99 -24.31 16.61 0.12
CA GLY A 99 -24.96 16.48 1.40
C GLY A 99 -23.85 15.74 2.10
N ASP A 100 -24.13 14.54 2.61
CA ASP A 100 -23.12 13.78 3.34
C ASP A 100 -22.07 13.11 2.45
N HIS A 101 -20.95 12.73 3.07
CA HIS A 101 -19.83 12.12 2.35
C HIS A 101 -20.05 10.73 1.74
N SER A 102 -21.18 10.10 2.03
CA SER A 102 -21.44 8.79 1.45
C SER A 102 -21.55 8.93 -0.07
N LEU A 103 -21.93 10.12 -0.53
CA LEU A 103 -22.07 10.40 -1.96
C LEU A 103 -20.74 10.26 -2.71
N ALA A 104 -19.63 10.20 -1.97
CA ALA A 104 -18.32 10.06 -2.60
C ALA A 104 -18.26 8.73 -3.34
N ILE A 105 -19.02 7.75 -2.86
CA ILE A 105 -19.07 6.44 -3.51
C ILE A 105 -19.49 6.61 -4.97
N GLY A 106 -20.57 7.36 -5.20
CA GLY A 106 -21.04 7.57 -6.55
C GLY A 106 -20.21 8.54 -7.36
N SER A 107 -19.72 9.60 -6.70
CA SER A 107 -18.91 10.61 -7.35
C SER A 107 -17.62 10.01 -7.91
N ILE A 108 -16.89 9.28 -7.07
CA ILE A 108 -15.64 8.68 -7.51
C ILE A 108 -15.89 7.55 -8.51
N SER A 109 -16.95 6.78 -8.29
CA SER A 109 -17.29 5.67 -9.17
C SER A 109 -17.56 6.16 -10.59
N GLY A 110 -18.43 7.16 -10.71
CA GLY A 110 -18.77 7.71 -12.02
C GLY A 110 -17.59 8.41 -12.68
N HIS A 111 -16.72 8.98 -11.85
CA HIS A 111 -15.54 9.67 -12.34
C HIS A 111 -14.59 8.63 -12.95
N ALA A 112 -14.38 7.53 -12.23
CA ALA A 112 -13.49 6.46 -12.68
C ALA A 112 -13.96 5.69 -13.93
N ARG A 113 -15.26 5.73 -14.22
CA ARG A 113 -15.78 5.04 -15.40
C ARG A 113 -15.12 5.68 -16.63
N VAL A 114 -15.10 7.01 -16.65
CA VAL A 114 -14.52 7.75 -17.76
C VAL A 114 -13.00 7.86 -17.64
N HIS A 115 -12.51 7.99 -16.41
CA HIS A 115 -11.08 8.13 -16.15
C HIS A 115 -10.60 7.09 -15.14
N PRO A 116 -10.51 5.82 -15.55
CA PRO A 116 -10.07 4.74 -14.68
C PRO A 116 -8.72 4.92 -13.96
N ASP A 117 -7.88 5.81 -14.48
CA ASP A 117 -6.56 6.05 -13.91
C ASP A 117 -6.47 7.16 -12.86
N LEU A 118 -7.62 7.69 -12.46
CA LEU A 118 -7.69 8.77 -11.49
C LEU A 118 -6.98 8.52 -10.14
N GLY A 119 -6.55 9.61 -9.52
CA GLY A 119 -5.90 9.54 -8.22
C GLY A 119 -6.79 10.32 -7.26
N VAL A 120 -6.89 9.89 -6.02
CA VAL A 120 -7.77 10.56 -5.07
C VAL A 120 -7.10 11.26 -3.89
N ILE A 121 -7.52 12.50 -3.62
CA ILE A 121 -7.03 13.25 -2.48
C ILE A 121 -8.27 13.44 -1.60
N TRP A 122 -8.21 12.91 -0.39
CA TRP A 122 -9.33 12.94 0.55
C TRP A 122 -8.99 13.82 1.74
N VAL A 123 -9.57 15.02 1.77
CA VAL A 123 -9.33 15.96 2.87
C VAL A 123 -10.47 15.72 3.84
N ASP A 124 -10.13 15.33 5.06
CA ASP A 124 -11.15 14.98 6.04
C ASP A 124 -10.53 14.80 7.42
N ALA A 125 -11.33 14.93 8.47
CA ALA A 125 -10.82 14.70 9.82
C ALA A 125 -10.88 13.19 10.03
N HIS A 126 -11.66 12.54 9.17
CA HIS A 126 -11.89 11.10 9.23
C HIS A 126 -11.45 10.37 7.95
N THR A 127 -11.17 9.07 8.09
CA THR A 127 -10.76 8.24 6.96
C THR A 127 -11.97 7.69 6.18
N ASP A 128 -13.13 7.64 6.84
CA ASP A 128 -14.37 7.16 6.20
C ASP A 128 -14.14 5.84 5.49
N ILE A 129 -13.38 4.96 6.13
CA ILE A 129 -13.05 3.68 5.52
C ILE A 129 -13.56 2.48 6.33
N ASN A 130 -14.58 2.71 7.16
CA ASN A 130 -15.16 1.62 7.95
C ASN A 130 -15.90 0.69 6.99
N THR A 131 -15.86 -0.60 7.25
CA THR A 131 -16.58 -1.53 6.39
C THR A 131 -17.92 -1.73 7.09
N PRO A 132 -18.89 -2.36 6.41
CA PRO A 132 -20.18 -2.56 7.06
C PRO A 132 -19.99 -3.39 8.32
N LEU A 133 -18.85 -4.06 8.39
CA LEU A 133 -18.54 -4.92 9.53
C LEU A 133 -17.67 -4.30 10.61
N THR A 134 -17.00 -3.19 10.30
CA THR A 134 -16.17 -2.54 11.31
C THR A 134 -16.83 -1.28 11.87
N THR A 135 -17.83 -0.76 11.16
CA THR A 135 -18.54 0.44 11.61
C THR A 135 -19.29 0.20 12.92
N THR A 136 -19.27 1.20 13.80
CA THR A 136 -19.98 1.09 15.07
C THR A 136 -21.22 2.00 15.05
N SER A 137 -21.18 3.03 14.23
CA SER A 137 -22.29 3.97 14.13
C SER A 137 -23.36 3.51 13.12
N GLY A 138 -22.92 2.79 12.09
CA GLY A 138 -23.85 2.34 11.08
C GLY A 138 -24.08 3.40 10.01
N ASN A 139 -23.53 4.60 10.22
CA ASN A 139 -23.68 5.69 9.25
C ASN A 139 -22.79 5.47 8.05
N LEU A 140 -23.39 5.39 6.87
CA LEU A 140 -22.63 5.14 5.64
C LEU A 140 -21.68 6.25 5.20
N HIS A 141 -21.78 7.46 5.76
CA HIS A 141 -20.88 8.53 5.36
C HIS A 141 -19.49 8.29 5.93
N GLY A 142 -19.38 7.29 6.80
CA GLY A 142 -18.10 6.95 7.42
C GLY A 142 -17.56 5.64 6.85
N GLN A 143 -18.12 5.21 5.72
CA GLN A 143 -17.72 3.97 5.05
C GLN A 143 -17.49 4.10 3.54
N PRO A 144 -17.74 5.28 2.93
CA PRO A 144 -17.53 5.34 1.47
C PRO A 144 -16.25 4.73 0.89
N VAL A 145 -15.10 5.02 1.49
CA VAL A 145 -13.85 4.49 0.96
C VAL A 145 -13.79 2.96 0.93
N SER A 146 -14.39 2.30 1.91
CA SER A 146 -14.36 0.84 1.94
C SER A 146 -15.03 0.20 0.72
N PHE A 147 -16.02 0.86 0.16
CA PHE A 147 -16.72 0.35 -1.01
C PHE A 147 -15.96 0.58 -2.31
N LEU A 148 -15.06 1.56 -2.29
CA LEU A 148 -14.28 1.93 -3.47
C LEU A 148 -12.95 1.22 -3.63
N LEU A 149 -12.35 0.77 -2.53
CA LEU A 149 -11.05 0.10 -2.60
C LEU A 149 -11.07 -1.31 -3.15
N LYS A 150 -10.26 -1.54 -4.18
CA LYS A 150 -10.15 -2.85 -4.82
C LYS A 150 -9.68 -3.90 -3.83
N GLU A 151 -8.71 -3.54 -2.99
CA GLU A 151 -8.16 -4.47 -2.02
C GLU A 151 -9.11 -4.90 -0.91
N LEU A 152 -10.23 -4.19 -0.77
CA LEU A 152 -11.19 -4.52 0.28
C LEU A 152 -12.36 -5.37 -0.24
N LYS A 153 -12.38 -5.63 -1.54
CA LYS A 153 -13.43 -6.44 -2.13
C LYS A 153 -13.28 -7.86 -1.57
N GLY A 154 -14.37 -8.39 -1.01
CA GLY A 154 -14.32 -9.70 -0.42
C GLY A 154 -14.46 -9.53 1.08
N LYS A 155 -14.38 -8.29 1.52
CA LYS A 155 -14.51 -7.95 2.94
C LYS A 155 -15.75 -7.08 3.14
N ILE A 156 -16.37 -6.69 2.05
CA ILE A 156 -17.59 -5.89 2.10
C ILE A 156 -18.77 -6.81 1.73
N PRO A 157 -19.71 -7.02 2.67
CA PRO A 157 -20.87 -7.88 2.42
C PRO A 157 -21.76 -7.31 1.33
N ASP A 158 -22.65 -8.13 0.79
CA ASP A 158 -23.56 -7.64 -0.24
C ASP A 158 -24.66 -6.85 0.44
N VAL A 159 -24.44 -5.54 0.54
CA VAL A 159 -25.38 -4.62 1.17
C VAL A 159 -26.42 -4.14 0.15
N PRO A 160 -27.72 -4.21 0.52
CA PRO A 160 -28.80 -3.78 -0.38
C PRO A 160 -28.58 -2.36 -0.90
N GLY A 161 -28.65 -2.19 -2.21
CA GLY A 161 -28.46 -0.88 -2.81
C GLY A 161 -27.09 -0.64 -3.41
N PHE A 162 -26.15 -1.55 -3.19
CA PHE A 162 -24.81 -1.34 -3.74
C PHE A 162 -24.31 -2.43 -4.68
N SER A 163 -25.21 -3.24 -5.22
CA SER A 163 -24.80 -4.30 -6.13
C SER A 163 -24.18 -3.74 -7.41
N TRP A 164 -24.46 -2.47 -7.70
CA TRP A 164 -23.94 -1.82 -8.89
C TRP A 164 -22.49 -1.40 -8.71
N VAL A 165 -22.05 -1.35 -7.46
CA VAL A 165 -20.69 -0.93 -7.14
C VAL A 165 -19.60 -1.89 -7.55
N THR A 166 -18.54 -1.32 -8.13
CA THR A 166 -17.38 -2.10 -8.54
C THR A 166 -16.18 -1.27 -8.08
N PRO A 167 -15.44 -1.76 -7.08
CA PRO A 167 -14.26 -1.06 -6.56
C PRO A 167 -13.41 -0.52 -7.71
N CYS A 168 -13.23 0.79 -7.74
CA CYS A 168 -12.48 1.43 -8.83
C CYS A 168 -11.11 2.00 -8.49
N ILE A 169 -10.75 2.05 -7.21
CA ILE A 169 -9.44 2.58 -6.85
C ILE A 169 -8.65 1.68 -5.90
N SER A 170 -7.35 1.62 -6.16
CA SER A 170 -6.45 0.82 -5.35
C SER A 170 -5.98 1.67 -4.17
N ALA A 171 -5.62 0.99 -3.08
CA ALA A 171 -5.15 1.66 -1.88
C ALA A 171 -3.98 2.57 -2.20
N LYS A 172 -3.29 2.28 -3.31
CA LYS A 172 -2.12 3.07 -3.70
C LYS A 172 -2.43 4.35 -4.46
N ASP A 173 -3.69 4.55 -4.86
CA ASP A 173 -4.08 5.74 -5.62
C ASP A 173 -4.81 6.78 -4.78
N ILE A 174 -4.66 6.72 -3.47
CA ILE A 174 -5.34 7.68 -2.60
C ILE A 174 -4.45 8.22 -1.48
N VAL A 175 -4.64 9.49 -1.15
CA VAL A 175 -3.89 10.13 -0.07
C VAL A 175 -4.87 10.88 0.82
N TYR A 176 -4.74 10.67 2.12
CA TYR A 176 -5.58 11.36 3.11
C TYR A 176 -4.81 12.56 3.67
N ILE A 177 -5.53 13.65 3.90
CA ILE A 177 -4.95 14.85 4.51
C ILE A 177 -5.91 15.41 5.56
N GLY A 178 -5.43 15.57 6.80
CA GLY A 178 -6.24 16.15 7.86
C GLY A 178 -6.74 15.26 8.98
N LEU A 179 -6.43 13.97 8.91
CA LEU A 179 -6.91 13.00 9.88
C LEU A 179 -6.62 13.32 11.35
N ARG A 180 -7.64 13.16 12.18
CA ARG A 180 -7.51 13.38 13.62
C ARG A 180 -8.51 12.58 14.47
N ASP A 181 -9.37 11.80 13.82
CA ASP A 181 -10.34 10.97 14.53
C ASP A 181 -10.64 9.70 13.73
N VAL A 182 -9.70 8.77 13.79
CA VAL A 182 -9.75 7.51 13.06
C VAL A 182 -10.11 6.36 13.99
N ASP A 183 -11.08 5.54 13.61
CA ASP A 183 -11.47 4.40 14.44
C ASP A 183 -10.38 3.31 14.41
N PRO A 184 -10.35 2.43 15.42
CA PRO A 184 -9.33 1.35 15.48
C PRO A 184 -9.29 0.45 14.24
N GLY A 185 -10.45 -0.01 13.77
CA GLY A 185 -10.49 -0.86 12.59
C GLY A 185 -9.99 -0.11 11.37
N GLU A 186 -10.36 1.16 11.28
CA GLU A 186 -9.92 2.00 10.17
C GLU A 186 -8.40 2.13 10.21
N HIS A 187 -7.84 2.31 11.40
CA HIS A 187 -6.40 2.44 11.54
C HIS A 187 -5.71 1.17 11.09
N TYR A 188 -6.29 0.03 11.47
CA TYR A 188 -5.76 -1.28 11.09
C TYR A 188 -5.75 -1.39 9.56
N ILE A 189 -6.82 -0.93 8.92
CA ILE A 189 -6.93 -0.96 7.46
C ILE A 189 -5.86 -0.07 6.84
N LEU A 190 -5.63 1.12 7.41
CA LEU A 190 -4.63 2.04 6.88
C LEU A 190 -3.25 1.41 6.81
N LYS A 191 -2.79 0.89 7.95
CA LYS A 191 -1.47 0.27 8.05
C LYS A 191 -1.37 -1.04 7.27
N THR A 192 -2.46 -1.79 7.21
CA THR A 192 -2.47 -3.08 6.50
C THR A 192 -2.42 -2.96 4.98
N LEU A 193 -3.19 -2.03 4.42
CA LEU A 193 -3.20 -1.84 2.97
C LEU A 193 -2.12 -0.85 2.57
N GLY A 194 -1.43 -0.30 3.56
CA GLY A 194 -0.37 0.66 3.29
C GLY A 194 -0.84 1.94 2.63
N ILE A 195 -1.97 2.48 3.10
CA ILE A 195 -2.51 3.70 2.52
C ILE A 195 -1.69 4.92 2.97
N LYS A 196 -1.44 5.82 2.03
CA LYS A 196 -0.67 7.03 2.31
C LYS A 196 -1.57 8.08 2.94
N TYR A 197 -1.12 8.63 4.06
CA TYR A 197 -1.91 9.64 4.75
C TYR A 197 -1.02 10.66 5.44
N PHE A 198 -1.61 11.81 5.69
CA PHE A 198 -0.94 12.90 6.40
C PHE A 198 -1.96 13.32 7.43
N SER A 199 -1.84 12.77 8.64
CA SER A 199 -2.74 13.12 9.71
C SER A 199 -2.33 14.50 10.18
N MET A 200 -3.06 15.06 11.13
CA MET A 200 -2.70 16.39 11.63
C MET A 200 -1.29 16.37 12.21
N THR A 201 -0.87 15.21 12.70
CA THR A 201 0.48 15.07 13.28
C THR A 201 1.54 15.34 12.20
N GLU A 202 1.32 14.79 11.00
CA GLU A 202 2.26 14.99 9.90
C GLU A 202 2.23 16.43 9.41
N VAL A 203 1.03 17.02 9.36
CA VAL A 203 0.91 18.40 8.93
C VAL A 203 1.72 19.26 9.91
N ASP A 204 1.60 18.97 11.20
CA ASP A 204 2.33 19.74 12.22
C ASP A 204 3.83 19.58 12.07
N ARG A 205 4.27 18.34 11.84
CA ARG A 205 5.68 18.02 11.69
C ARG A 205 6.33 18.62 10.43
N LEU A 206 5.69 18.40 9.28
CA LEU A 206 6.23 18.84 8.00
C LEU A 206 5.83 20.22 7.47
N GLY A 207 4.61 20.64 7.78
CA GLY A 207 4.10 21.90 7.29
C GLY A 207 3.26 21.54 6.08
N ILE A 208 2.19 22.29 5.82
CA ILE A 208 1.30 22.01 4.70
C ILE A 208 2.03 22.09 3.35
N GLY A 209 3.12 22.86 3.31
CA GLY A 209 3.89 23.00 2.08
C GLY A 209 4.51 21.67 1.66
N LYS A 210 5.25 21.06 2.57
CA LYS A 210 5.89 19.77 2.29
C LYS A 210 4.84 18.68 2.12
N VAL A 211 3.76 18.76 2.90
CA VAL A 211 2.67 17.78 2.81
C VAL A 211 2.12 17.75 1.38
N MET A 212 1.87 18.93 0.80
CA MET A 212 1.34 18.99 -0.56
C MET A 212 2.40 18.55 -1.57
N GLU A 213 3.65 18.87 -1.30
CA GLU A 213 4.72 18.49 -2.20
C GLU A 213 4.75 16.96 -2.29
N GLU A 214 4.70 16.31 -1.14
CA GLU A 214 4.71 14.86 -1.07
C GLU A 214 3.44 14.24 -1.62
N THR A 215 2.29 14.81 -1.27
CA THR A 215 1.04 14.26 -1.76
C THR A 215 0.99 14.18 -3.28
N LEU A 216 1.30 15.29 -3.94
CA LEU A 216 1.26 15.35 -5.40
C LEU A 216 2.34 14.48 -6.02
N SER A 217 3.52 14.46 -5.41
CA SER A 217 4.62 13.65 -5.89
C SER A 217 4.22 12.18 -5.80
N TYR A 218 3.60 11.82 -4.69
CA TYR A 218 3.14 10.46 -4.45
C TYR A 218 2.14 9.96 -5.48
N LEU A 219 1.21 10.83 -5.87
CA LEU A 219 0.18 10.46 -6.84
C LEU A 219 0.50 10.70 -8.30
N LEU A 220 1.40 11.62 -8.59
CA LEU A 220 1.72 11.95 -9.98
C LEU A 220 3.18 11.71 -10.38
N GLY A 221 3.97 11.15 -9.47
CA GLY A 221 5.36 10.90 -9.76
C GLY A 221 5.59 9.95 -10.93
N ARG A 222 4.85 8.86 -10.96
CA ARG A 222 4.97 7.85 -12.01
C ARG A 222 4.45 8.37 -13.36
N LYS A 223 3.36 9.13 -13.32
CA LYS A 223 2.76 9.68 -14.51
C LYS A 223 1.62 10.62 -14.13
N LYS A 224 1.40 11.66 -14.93
CA LYS A 224 0.32 12.58 -14.65
C LYS A 224 -0.98 11.83 -14.90
N ARG A 225 -1.97 12.07 -14.05
CA ARG A 225 -3.28 11.40 -14.13
C ARG A 225 -4.36 12.29 -13.51
N PRO A 226 -5.62 12.12 -13.93
CA PRO A 226 -6.69 12.96 -13.38
C PRO A 226 -6.76 12.88 -11.87
N ILE A 227 -7.06 14.02 -11.23
CA ILE A 227 -7.15 14.07 -9.77
C ILE A 227 -8.57 14.32 -9.29
N HIS A 228 -8.98 13.56 -8.28
CA HIS A 228 -10.29 13.69 -7.67
C HIS A 228 -10.04 14.18 -6.25
N LEU A 229 -10.60 15.34 -5.91
CA LEU A 229 -10.44 15.88 -4.57
C LEU A 229 -11.78 15.78 -3.86
N SER A 230 -11.83 14.94 -2.83
CA SER A 230 -13.07 14.82 -2.07
C SER A 230 -12.81 15.60 -0.79
N PHE A 231 -13.43 16.79 -0.70
CA PHE A 231 -13.25 17.68 0.43
C PHE A 231 -14.42 17.65 1.41
N ASP A 232 -14.16 17.12 2.60
CA ASP A 232 -15.16 17.06 3.67
C ASP A 232 -14.84 18.30 4.48
N VAL A 233 -15.83 19.18 4.65
CA VAL A 233 -15.58 20.42 5.37
C VAL A 233 -15.18 20.25 6.84
N ASP A 234 -15.39 19.06 7.40
CA ASP A 234 -14.98 18.87 8.79
C ASP A 234 -13.47 18.59 8.86
N GLY A 235 -12.82 18.60 7.70
CA GLY A 235 -11.38 18.40 7.65
C GLY A 235 -10.76 19.68 8.20
N LEU A 236 -11.45 20.80 7.97
CA LEU A 236 -11.00 22.10 8.46
C LEU A 236 -11.43 22.24 9.92
N ASP A 237 -10.72 23.08 10.67
CA ASP A 237 -11.05 23.27 12.08
C ASP A 237 -12.47 23.83 12.22
N PRO A 238 -13.19 23.43 13.28
CA PRO A 238 -14.56 23.94 13.47
C PRO A 238 -14.65 25.45 13.72
N SER A 239 -13.50 26.11 13.84
CA SER A 239 -13.48 27.57 14.05
C SER A 239 -13.72 28.20 12.68
N PHE A 240 -13.59 27.39 11.64
CA PHE A 240 -13.80 27.84 10.27
C PHE A 240 -15.06 27.26 9.63
N THR A 241 -15.33 25.98 9.89
CA THR A 241 -16.53 25.32 9.35
C THR A 241 -17.29 24.64 10.49
N PRO A 242 -17.91 25.44 11.36
CA PRO A 242 -18.67 24.93 12.50
C PRO A 242 -19.97 24.19 12.20
N ALA A 243 -20.65 24.62 11.14
CA ALA A 243 -21.93 24.00 10.76
C ALA A 243 -21.68 22.73 9.95
N THR A 244 -21.32 21.66 10.65
CA THR A 244 -21.05 20.37 10.06
C THR A 244 -21.40 19.33 11.12
N GLY A 245 -21.77 18.12 10.70
CA GLY A 245 -22.19 17.09 11.64
C GLY A 245 -21.22 16.42 12.60
N THR A 246 -19.98 16.23 12.17
CA THR A 246 -19.00 15.57 13.02
C THR A 246 -17.73 16.40 13.16
N PRO A 247 -17.82 17.54 13.87
CA PRO A 247 -16.65 18.41 14.06
C PRO A 247 -15.62 17.81 15.00
N VAL A 248 -14.35 18.13 14.74
CA VAL A 248 -13.24 17.66 15.57
C VAL A 248 -12.23 18.80 15.69
N VAL A 249 -11.90 19.19 16.92
CA VAL A 249 -10.95 20.28 17.16
C VAL A 249 -9.56 19.98 16.64
N GLY A 250 -8.72 21.01 16.51
CA GLY A 250 -7.37 20.84 16.00
C GLY A 250 -7.31 20.55 14.51
N GLY A 251 -8.19 21.18 13.74
CA GLY A 251 -8.20 20.91 12.32
C GLY A 251 -7.30 21.78 11.47
N LEU A 252 -7.39 21.58 10.15
CA LEU A 252 -6.60 22.34 9.21
C LEU A 252 -7.11 23.78 9.31
N THR A 253 -6.22 24.73 9.08
CA THR A 253 -6.63 26.13 9.14
C THR A 253 -7.22 26.57 7.82
N TYR A 254 -7.85 27.74 7.85
CA TYR A 254 -8.45 28.34 6.66
C TYR A 254 -7.33 28.41 5.61
N ARG A 255 -6.18 28.97 6.01
CA ARG A 255 -5.03 29.10 5.13
C ARG A 255 -4.57 27.77 4.55
N GLU A 256 -4.43 26.76 5.39
CA GLU A 256 -4.02 25.44 4.90
C GLU A 256 -5.06 24.91 3.91
N GLY A 257 -6.34 25.15 4.18
CA GLY A 257 -7.39 24.72 3.28
C GLY A 257 -7.20 25.35 1.90
N LEU A 258 -6.92 26.64 1.88
CA LEU A 258 -6.69 27.35 0.62
C LEU A 258 -5.38 26.92 -0.02
N TYR A 259 -4.39 26.59 0.80
CA TYR A 259 -3.11 26.18 0.25
C TYR A 259 -3.27 24.88 -0.54
N ILE A 260 -3.89 23.89 0.11
CA ILE A 260 -4.13 22.59 -0.51
C ILE A 260 -4.79 22.75 -1.88
N THR A 261 -5.88 23.49 -1.91
CA THR A 261 -6.62 23.70 -3.14
C THR A 261 -5.88 24.54 -4.18
N GLU A 262 -5.17 25.57 -3.75
CA GLU A 262 -4.42 26.39 -4.69
C GLU A 262 -3.37 25.52 -5.35
N GLU A 263 -2.77 24.63 -4.59
CA GLU A 263 -1.76 23.73 -5.15
C GLU A 263 -2.39 22.72 -6.10
N ILE A 264 -3.57 22.22 -5.74
CA ILE A 264 -4.26 21.26 -6.59
C ILE A 264 -4.57 21.93 -7.92
N TYR A 265 -5.11 23.14 -7.85
CA TYR A 265 -5.44 23.87 -9.06
C TYR A 265 -4.22 23.98 -9.97
N LYS A 266 -3.12 24.46 -9.40
CA LYS A 266 -1.88 24.64 -10.14
C LYS A 266 -1.36 23.39 -10.86
N THR A 267 -1.85 22.21 -10.50
CA THR A 267 -1.41 20.99 -11.18
C THR A 267 -2.06 20.94 -12.56
N GLY A 268 -3.23 21.56 -12.68
CA GLY A 268 -3.95 21.57 -13.94
C GLY A 268 -4.59 20.21 -14.16
N LEU A 269 -4.47 19.34 -13.18
CA LEU A 269 -5.02 17.99 -13.26
C LEU A 269 -6.33 17.74 -12.51
N LEU A 270 -6.88 18.75 -11.84
CA LEU A 270 -8.14 18.51 -11.14
C LEU A 270 -9.23 18.14 -12.16
N SER A 271 -9.95 17.06 -11.90
CA SER A 271 -11.03 16.66 -12.81
C SER A 271 -12.32 16.32 -12.08
N GLY A 272 -12.23 16.16 -10.77
CA GLY A 272 -13.40 15.85 -9.98
C GLY A 272 -13.29 16.46 -8.60
N LEU A 273 -14.33 17.15 -8.15
CA LEU A 273 -14.32 17.79 -6.83
C LEU A 273 -15.63 17.56 -6.04
N ASP A 274 -15.48 17.30 -4.74
CA ASP A 274 -16.61 17.10 -3.84
C ASP A 274 -16.52 18.10 -2.70
N ILE A 275 -17.59 18.83 -2.43
CA ILE A 275 -17.66 19.77 -1.31
C ILE A 275 -18.78 19.17 -0.46
N MET A 276 -18.41 18.51 0.63
CA MET A 276 -19.39 17.80 1.47
C MET A 276 -19.52 18.15 2.92
N GLU A 277 -20.62 17.68 3.49
CA GLU A 277 -20.96 17.83 4.91
C GLU A 277 -21.28 19.20 5.46
N VAL A 278 -21.52 20.18 4.59
CA VAL A 278 -21.88 21.50 5.06
C VAL A 278 -23.35 21.39 5.51
N ASN A 279 -23.63 21.63 6.79
CA ASN A 279 -25.01 21.54 7.30
C ASN A 279 -25.43 22.84 8.01
N PRO A 280 -26.09 23.76 7.28
CA PRO A 280 -26.51 25.03 7.85
C PRO A 280 -27.30 24.90 9.17
N SER A 281 -28.15 23.87 9.24
CA SER A 281 -28.99 23.60 10.40
C SER A 281 -28.22 23.40 11.69
N LEU A 282 -26.91 23.18 11.58
CA LEU A 282 -26.08 22.94 12.76
C LEU A 282 -25.31 24.15 13.28
N GLY A 283 -25.47 25.29 12.62
CA GLY A 283 -24.79 26.49 13.07
C GLY A 283 -25.45 26.96 14.36
N LYS A 284 -24.64 27.27 15.37
CA LYS A 284 -25.16 27.74 16.65
C LYS A 284 -25.66 29.17 16.54
N THR A 285 -25.32 29.83 15.44
CA THR A 285 -25.73 31.21 15.17
C THR A 285 -25.79 31.41 13.66
N PRO A 286 -26.41 32.52 13.21
CA PRO A 286 -26.51 32.80 11.77
C PRO A 286 -25.12 33.05 11.17
N GLU A 287 -24.20 33.48 12.04
CA GLU A 287 -22.84 33.77 11.64
C GLU A 287 -21.99 32.50 11.44
N GLU A 288 -22.26 31.48 12.24
CA GLU A 288 -21.51 30.23 12.08
C GLU A 288 -21.92 29.59 10.75
N VAL A 289 -23.14 29.84 10.32
CA VAL A 289 -23.63 29.31 9.05
C VAL A 289 -22.94 30.02 7.90
N THR A 290 -22.94 31.35 7.95
CA THR A 290 -22.28 32.12 6.89
C THR A 290 -20.78 31.88 6.91
N ARG A 291 -20.21 31.64 8.09
CA ARG A 291 -18.78 31.39 8.22
C ARG A 291 -18.45 30.05 7.54
N THR A 292 -19.32 29.05 7.75
CA THR A 292 -19.11 27.73 7.17
C THR A 292 -19.28 27.77 5.66
N VAL A 293 -20.34 28.44 5.21
CA VAL A 293 -20.63 28.55 3.79
C VAL A 293 -19.57 29.37 3.05
N ASN A 294 -19.17 30.50 3.63
CA ASN A 294 -18.17 31.34 2.99
C ASN A 294 -16.84 30.61 2.84
N THR A 295 -16.46 29.84 3.86
CA THR A 295 -15.21 29.09 3.81
C THR A 295 -15.31 28.01 2.74
N ALA A 296 -16.47 27.33 2.69
CA ALA A 296 -16.68 26.28 1.71
C ALA A 296 -16.60 26.83 0.30
N VAL A 297 -17.10 28.05 0.11
CA VAL A 297 -17.06 28.70 -1.20
C VAL A 297 -15.62 29.06 -1.56
N ALA A 298 -14.88 29.64 -0.61
CA ALA A 298 -13.51 30.03 -0.84
C ALA A 298 -12.66 28.85 -1.30
N ILE A 299 -12.85 27.72 -0.61
CA ILE A 299 -12.12 26.50 -0.95
C ILE A 299 -12.46 26.10 -2.39
N THR A 300 -13.74 26.23 -2.74
CA THR A 300 -14.19 25.87 -4.08
C THR A 300 -13.55 26.76 -5.15
N LEU A 301 -13.56 28.06 -4.93
CA LEU A 301 -12.98 29.01 -5.90
C LEU A 301 -11.48 28.79 -6.11
N ALA A 302 -10.76 28.44 -5.05
CA ALA A 302 -9.32 28.19 -5.12
C ALA A 302 -9.05 26.97 -6.01
N CYS A 303 -9.96 26.00 -5.99
CA CYS A 303 -9.78 24.80 -6.81
C CYS A 303 -9.81 25.17 -8.28
N PHE A 304 -10.45 26.29 -8.58
CA PHE A 304 -10.57 26.74 -9.96
C PHE A 304 -9.82 28.00 -10.36
N GLY A 305 -8.69 28.26 -9.71
CA GLY A 305 -7.88 29.39 -10.09
C GLY A 305 -7.72 30.62 -9.22
N LEU A 306 -8.67 30.88 -8.33
CA LEU A 306 -8.57 32.06 -7.48
C LEU A 306 -7.32 31.93 -6.60
N ALA A 307 -6.34 32.82 -6.82
CA ALA A 307 -5.10 32.79 -6.04
C ALA A 307 -4.98 33.96 -5.08
N ARG A 308 -4.46 33.69 -3.88
CA ARG A 308 -4.31 34.75 -2.88
C ARG A 308 -3.33 35.85 -3.28
N GLU A 309 -2.38 35.53 -4.17
CA GLU A 309 -1.42 36.53 -4.61
C GLU A 309 -2.09 37.46 -5.63
N GLY A 310 -3.22 37.03 -6.15
CA GLY A 310 -3.95 37.82 -7.13
C GLY A 310 -4.04 37.12 -8.47
N ASN A 311 -4.91 37.64 -9.34
CA ASN A 311 -5.12 37.10 -10.68
C ASN A 311 -5.31 38.27 -11.64
N HIS A 312 -4.98 38.06 -12.91
CA HIS A 312 -5.17 39.10 -13.92
C HIS A 312 -5.32 38.45 -15.29
N LYS A 313 -6.03 39.13 -16.18
CA LYS A 313 -6.26 38.63 -17.53
C LYS A 313 -5.05 38.82 -18.40
N PRO A 314 -5.01 38.17 -19.57
CA PRO A 314 -3.86 38.31 -20.47
C PRO A 314 -3.98 39.60 -21.30
N ILE A 315 -4.05 40.73 -20.62
CA ILE A 315 -4.15 42.04 -21.25
C ILE A 315 -3.21 43.01 -20.55
N ASP A 316 -3.01 44.19 -21.15
CA ASP A 316 -2.13 45.19 -20.56
C ASP A 316 -2.97 46.13 -19.69
N TYR A 317 -2.83 45.98 -18.38
CA TYR A 317 -3.58 46.79 -17.43
C TYR A 317 -3.12 48.25 -17.31
N LEU A 318 -1.86 48.50 -17.62
CA LEU A 318 -1.33 49.86 -17.56
C LEU A 318 -1.50 50.47 -18.93
N ASN A 319 -1.54 49.60 -19.94
CA ASN A 319 -1.70 50.01 -21.33
C ASN A 319 -0.60 50.96 -21.78
N ARG B 6 21.80 -32.36 11.57
CA ARG B 6 21.18 -31.23 10.82
C ARG B 6 20.49 -30.24 11.78
N THR B 7 21.30 -29.50 12.54
CA THR B 7 20.78 -28.52 13.49
C THR B 7 20.24 -27.26 12.80
N ILE B 8 19.09 -26.79 13.27
CA ILE B 8 18.45 -25.60 12.70
C ILE B 8 18.31 -24.49 13.74
N GLY B 9 18.59 -23.27 13.33
CA GLY B 9 18.47 -22.14 14.23
C GLY B 9 17.43 -21.18 13.71
N ILE B 10 16.21 -21.30 14.22
CA ILE B 10 15.12 -20.44 13.78
C ILE B 10 15.19 -19.03 14.36
N ILE B 11 14.92 -18.04 13.52
CA ILE B 11 14.93 -16.64 13.93
C ILE B 11 13.67 -15.98 13.38
N GLY B 12 12.89 -15.39 14.26
CA GLY B 12 11.68 -14.70 13.85
C GLY B 12 12.00 -13.25 13.57
N ALA B 13 11.55 -12.74 12.42
CA ALA B 13 11.81 -11.36 12.05
C ALA B 13 10.52 -10.64 11.65
N PRO B 14 9.67 -10.31 12.63
CA PRO B 14 8.39 -9.62 12.39
C PRO B 14 8.54 -8.15 12.02
N PHE B 15 9.19 -7.89 10.88
CA PHE B 15 9.44 -6.53 10.41
C PHE B 15 8.77 -6.25 9.06
N SER B 16 8.23 -5.04 8.89
CA SER B 16 7.53 -4.68 7.67
C SER B 16 7.93 -3.35 7.01
N LYS B 17 8.68 -2.51 7.72
CA LYS B 17 9.06 -1.20 7.18
C LYS B 17 9.79 -1.20 5.81
N GLY B 18 10.15 -2.36 5.30
CA GLY B 18 10.81 -2.42 4.00
C GLY B 18 9.82 -2.17 2.86
N GLN B 19 8.55 -2.11 3.21
CA GLN B 19 7.49 -1.88 2.24
C GLN B 19 6.23 -1.35 2.95
N PRO B 20 5.23 -0.86 2.19
CA PRO B 20 3.95 -0.30 2.68
C PRO B 20 2.99 -1.15 3.52
N ARG B 21 2.71 -2.37 3.08
CA ARG B 21 1.79 -3.26 3.76
C ARG B 21 2.31 -3.86 5.08
N GLY B 22 1.60 -3.57 6.17
CA GLY B 22 2.04 -4.05 7.48
C GLY B 22 1.78 -5.49 7.88
N GLY B 23 0.99 -6.22 7.10
CA GLY B 23 0.69 -7.60 7.45
C GLY B 23 1.83 -8.61 7.39
N VAL B 24 2.93 -8.27 6.71
CA VAL B 24 4.05 -9.20 6.59
C VAL B 24 4.70 -9.52 7.91
N GLU B 25 4.50 -8.68 8.92
CA GLU B 25 5.10 -8.93 10.21
C GLU B 25 4.37 -10.06 10.95
N GLU B 26 3.29 -10.56 10.36
CA GLU B 26 2.54 -11.67 10.98
C GLU B 26 3.06 -13.00 10.43
N GLY B 27 4.04 -12.92 9.54
CA GLY B 27 4.63 -14.11 8.94
C GLY B 27 5.23 -15.11 9.91
N PRO B 28 6.11 -14.67 10.82
CA PRO B 28 6.71 -15.63 11.77
C PRO B 28 5.66 -16.36 12.59
N THR B 29 4.60 -15.64 12.96
CA THR B 29 3.51 -16.18 13.77
C THR B 29 2.69 -17.27 13.11
N VAL B 30 2.16 -16.99 11.91
CA VAL B 30 1.35 -17.98 11.21
C VAL B 30 2.18 -19.18 10.78
N LEU B 31 3.46 -18.96 10.45
CA LEU B 31 4.34 -20.05 10.04
C LEU B 31 4.52 -21.00 11.22
N ARG B 32 4.73 -20.42 12.40
CA ARG B 32 4.89 -21.20 13.62
C ARG B 32 3.56 -21.87 13.99
N LYS B 33 2.46 -21.17 13.77
CA LYS B 33 1.14 -21.72 14.09
C LYS B 33 0.83 -22.93 13.20
N ALA B 34 1.46 -23.01 12.03
CA ALA B 34 1.23 -24.11 11.11
C ALA B 34 1.96 -25.40 11.51
N GLY B 35 2.72 -25.33 12.59
CA GLY B 35 3.45 -26.50 13.06
C GLY B 35 4.84 -26.66 12.51
N LEU B 36 5.41 -25.58 11.98
CA LEU B 36 6.76 -25.62 11.41
C LEU B 36 7.75 -26.28 12.35
N LEU B 37 7.82 -25.80 13.58
CA LEU B 37 8.73 -26.34 14.57
C LEU B 37 8.60 -27.85 14.74
N GLU B 38 7.39 -28.30 15.10
CA GLU B 38 7.16 -29.72 15.29
C GLU B 38 7.49 -30.53 14.03
N LYS B 39 7.02 -30.04 12.88
CA LYS B 39 7.25 -30.72 11.62
C LYS B 39 8.73 -30.92 11.32
N LEU B 40 9.55 -29.93 11.66
CA LEU B 40 10.99 -30.02 11.44
C LEU B 40 11.60 -31.04 12.40
N LYS B 41 11.07 -31.08 13.63
CA LYS B 41 11.56 -32.03 14.62
C LYS B 41 11.23 -33.43 14.12
N GLU B 42 10.06 -33.57 13.49
CA GLU B 42 9.64 -34.86 12.97
C GLU B 42 10.67 -35.39 11.99
N GLN B 43 11.22 -34.50 11.16
CA GLN B 43 12.26 -34.90 10.20
C GLN B 43 13.56 -35.09 10.97
N GLU B 44 14.66 -35.28 10.27
CA GLU B 44 15.94 -35.44 10.93
C GLU B 44 16.47 -34.05 11.25
N CYS B 45 15.84 -33.37 12.20
CA CYS B 45 16.24 -32.01 12.53
C CYS B 45 16.36 -31.67 14.02
N ASP B 46 17.48 -31.06 14.36
CA ASP B 46 17.78 -30.60 15.72
C ASP B 46 17.42 -29.10 15.67
N VAL B 47 16.22 -28.76 16.13
CA VAL B 47 15.75 -27.37 16.09
C VAL B 47 15.82 -26.58 17.40
N LYS B 48 16.44 -25.41 17.33
CA LYS B 48 16.56 -24.50 18.47
C LYS B 48 15.97 -23.14 18.08
N ASP B 49 14.81 -22.81 18.64
CA ASP B 49 14.16 -21.54 18.33
C ASP B 49 14.82 -20.40 19.07
N TYR B 50 15.28 -19.39 18.34
CA TYR B 50 15.93 -18.21 18.93
C TYR B 50 14.94 -17.05 19.13
N GLY B 51 13.66 -17.38 19.15
CA GLY B 51 12.61 -16.38 19.35
C GLY B 51 12.47 -15.37 18.23
N ASP B 52 11.55 -14.42 18.41
CA ASP B 52 11.34 -13.38 17.42
C ASP B 52 12.01 -12.10 17.87
N LEU B 53 12.86 -11.55 17.02
CA LEU B 53 13.59 -10.32 17.34
C LEU B 53 12.65 -9.16 17.64
N PRO B 54 12.95 -8.38 18.69
CA PRO B 54 12.14 -7.23 19.08
C PRO B 54 12.67 -5.98 18.40
N PHE B 55 11.97 -5.54 17.35
CA PHE B 55 12.36 -4.33 16.63
C PHE B 55 11.63 -3.15 17.28
N ALA B 56 12.38 -2.16 17.73
CA ALA B 56 11.79 -0.99 18.36
C ALA B 56 11.49 0.08 17.32
N ASP B 57 10.43 0.85 17.56
CA ASP B 57 10.06 1.89 16.61
C ASP B 57 11.11 2.98 16.56
N ILE B 58 11.21 3.64 15.41
CA ILE B 58 12.16 4.73 15.23
C ILE B 58 11.35 5.97 14.82
N PRO B 59 10.82 6.70 15.83
CA PRO B 59 10.01 7.90 15.68
C PRO B 59 10.53 8.84 14.61
N ASN B 60 11.82 9.19 14.71
CA ASN B 60 12.45 10.09 13.75
C ASN B 60 13.15 9.35 12.62
N ASP B 61 12.36 8.78 11.71
CA ASP B 61 12.90 8.06 10.56
C ASP B 61 12.40 8.74 9.28
N SER B 62 13.05 9.84 8.90
CA SER B 62 12.66 10.59 7.71
C SER B 62 13.22 9.92 6.44
N PRO B 63 12.52 10.10 5.30
CA PRO B 63 12.90 9.54 3.99
C PRO B 63 14.17 10.06 3.34
N PHE B 64 15.12 9.16 3.06
CA PHE B 64 16.36 9.52 2.40
C PHE B 64 15.98 9.63 0.92
N GLN B 65 15.76 10.85 0.46
CA GLN B 65 15.34 11.07 -0.92
C GLN B 65 14.00 10.35 -1.07
N ILE B 66 13.96 9.38 -1.97
CA ILE B 66 12.77 8.58 -2.24
C ILE B 66 12.64 7.41 -1.25
N VAL B 67 13.77 6.91 -0.80
CA VAL B 67 13.83 5.77 0.12
C VAL B 67 13.14 6.03 1.47
N LYS B 68 12.15 5.20 1.79
CA LYS B 68 11.38 5.33 3.03
C LYS B 68 11.85 4.42 4.16
N ASN B 69 11.67 4.90 5.39
CA ASN B 69 12.04 4.18 6.61
C ASN B 69 13.47 3.64 6.55
N PRO B 70 14.42 4.45 6.05
CA PRO B 70 15.81 3.98 5.97
C PRO B 70 16.40 3.50 7.29
N ARG B 71 16.18 4.28 8.35
CA ARG B 71 16.71 3.93 9.66
C ARG B 71 16.04 2.68 10.29
N SER B 72 14.76 2.49 10.02
CA SER B 72 14.05 1.33 10.57
C SER B 72 14.51 0.04 9.89
N VAL B 73 14.70 0.10 8.57
CA VAL B 73 15.15 -1.03 7.78
C VAL B 73 16.64 -1.35 8.05
N GLY B 74 17.46 -0.32 8.12
CA GLY B 74 18.88 -0.51 8.38
C GLY B 74 19.15 -1.09 9.76
N LYS B 75 18.41 -0.63 10.76
CA LYS B 75 18.55 -1.09 12.14
C LYS B 75 18.05 -2.53 12.31
N ALA B 76 16.91 -2.83 11.68
CA ALA B 76 16.32 -4.16 11.75
C ALA B 76 17.29 -5.21 11.19
N SER B 77 17.88 -4.90 10.04
CA SER B 77 18.83 -5.82 9.41
C SER B 77 20.10 -5.97 10.24
N GLU B 78 20.47 -4.92 10.96
CA GLU B 78 21.68 -4.98 11.78
C GLU B 78 21.51 -5.91 12.98
N GLN B 79 20.34 -5.86 13.63
CA GLN B 79 20.10 -6.74 14.76
C GLN B 79 20.06 -8.17 14.22
N LEU B 80 19.34 -8.35 13.13
CA LEU B 80 19.19 -9.65 12.48
C LEU B 80 20.54 -10.26 12.10
N ALA B 81 21.43 -9.44 11.55
CA ALA B 81 22.76 -9.90 11.16
C ALA B 81 23.52 -10.39 12.38
N GLY B 82 23.28 -9.72 13.51
CA GLY B 82 23.95 -10.10 14.73
C GLY B 82 23.51 -11.47 15.22
N LYS B 83 22.19 -11.72 15.16
CA LYS B 83 21.63 -12.99 15.61
C LYS B 83 21.95 -14.16 14.67
N VAL B 84 22.16 -13.86 13.39
CA VAL B 84 22.49 -14.88 12.40
C VAL B 84 23.91 -15.40 12.64
N ALA B 85 24.84 -14.48 12.87
CA ALA B 85 26.22 -14.86 13.13
C ALA B 85 26.23 -15.71 14.40
N GLU B 86 25.25 -15.46 15.26
CA GLU B 86 25.11 -16.17 16.52
C GLU B 86 24.82 -17.64 16.27
N VAL B 87 23.71 -17.92 15.58
CA VAL B 87 23.32 -19.30 15.29
C VAL B 87 24.37 -19.99 14.43
N LYS B 88 25.02 -19.24 13.55
CA LYS B 88 26.06 -19.82 12.69
C LYS B 88 27.21 -20.31 13.56
N LYS B 89 27.53 -19.55 14.61
CA LYS B 89 28.60 -19.91 15.53
C LYS B 89 28.16 -21.08 16.40
N ASN B 90 26.85 -21.26 16.50
CA ASN B 90 26.32 -22.37 17.28
C ASN B 90 26.23 -23.58 16.37
N GLY B 91 26.94 -23.52 15.24
CA GLY B 91 26.97 -24.60 14.27
C GLY B 91 25.59 -25.03 13.79
N ARG B 92 24.73 -24.05 13.54
CA ARG B 92 23.37 -24.33 13.10
C ARG B 92 23.06 -23.55 11.82
N ILE B 93 22.12 -24.08 11.03
CA ILE B 93 21.69 -23.41 9.82
C ILE B 93 20.67 -22.38 10.29
N SER B 94 20.85 -21.12 9.91
CA SER B 94 19.92 -20.06 10.31
C SER B 94 18.69 -20.07 9.40
N LEU B 95 17.52 -20.11 10.04
CA LEU B 95 16.25 -20.14 9.33
C LEU B 95 15.52 -18.86 9.71
N VAL B 96 15.55 -17.87 8.83
CA VAL B 96 14.89 -16.61 9.11
C VAL B 96 13.47 -16.62 8.54
N LEU B 97 12.48 -16.56 9.43
CA LEU B 97 11.08 -16.50 9.03
C LEU B 97 10.81 -15.02 9.14
N GLY B 98 10.75 -14.33 8.02
CA GLY B 98 10.55 -12.91 8.14
C GLY B 98 9.28 -12.27 7.67
N GLY B 99 9.42 -10.97 7.48
CA GLY B 99 8.37 -10.16 6.97
C GLY B 99 8.93 -9.89 5.59
N ASP B 100 9.20 -8.63 5.28
CA ASP B 100 9.72 -8.25 3.96
C ASP B 100 11.18 -8.63 3.66
N HIS B 101 11.49 -8.73 2.37
CA HIS B 101 12.82 -9.10 1.89
C HIS B 101 13.99 -8.16 2.19
N SER B 102 13.72 -6.94 2.68
CA SER B 102 14.81 -6.00 2.97
C SER B 102 15.69 -6.59 4.05
N LEU B 103 15.11 -7.49 4.85
CA LEU B 103 15.80 -8.16 5.93
C LEU B 103 16.96 -9.02 5.41
N ALA B 104 16.98 -9.28 4.11
CA ALA B 104 18.03 -10.10 3.49
C ALA B 104 19.41 -9.48 3.72
N ILE B 105 19.47 -8.16 3.74
CA ILE B 105 20.73 -7.47 3.97
C ILE B 105 21.31 -8.01 5.29
N GLY B 106 20.51 -7.97 6.34
CA GLY B 106 20.97 -8.45 7.64
C GLY B 106 21.29 -9.94 7.64
N SER B 107 20.36 -10.73 7.11
CA SER B 107 20.50 -12.19 7.05
C SER B 107 21.84 -12.62 6.41
N ILE B 108 22.05 -12.18 5.16
CA ILE B 108 23.25 -12.51 4.42
C ILE B 108 24.50 -11.90 5.04
N SER B 109 24.37 -10.69 5.58
CA SER B 109 25.51 -10.02 6.22
C SER B 109 25.97 -10.84 7.41
N GLY B 110 25.03 -11.13 8.31
CA GLY B 110 25.34 -11.91 9.49
C GLY B 110 25.85 -13.29 9.11
N HIS B 111 25.34 -13.84 8.03
CA HIS B 111 25.76 -15.15 7.57
C HIS B 111 27.20 -15.08 7.05
N ALA B 112 27.48 -14.12 6.18
CA ALA B 112 28.81 -13.94 5.60
C ALA B 112 29.89 -13.56 6.61
N ARG B 113 29.50 -13.22 7.83
CA ARG B 113 30.46 -12.88 8.87
C ARG B 113 31.15 -14.14 9.38
N VAL B 114 30.43 -15.25 9.38
CA VAL B 114 30.98 -16.51 9.84
C VAL B 114 31.46 -17.36 8.66
N HIS B 115 30.89 -17.11 7.48
CA HIS B 115 31.24 -17.84 6.28
C HIS B 115 31.30 -16.85 5.13
N PRO B 116 32.42 -16.13 4.99
CA PRO B 116 32.58 -15.14 3.92
C PRO B 116 32.69 -15.71 2.51
N ASP B 117 32.77 -17.04 2.39
CA ASP B 117 32.88 -17.67 1.08
C ASP B 117 31.52 -18.14 0.52
N LEU B 118 30.45 -17.87 1.27
CA LEU B 118 29.10 -18.29 0.89
C LEU B 118 28.63 -17.85 -0.51
N GLY B 119 27.82 -18.71 -1.13
CA GLY B 119 27.27 -18.42 -2.44
C GLY B 119 25.79 -18.20 -2.18
N VAL B 120 25.13 -17.38 -3.00
CA VAL B 120 23.71 -17.08 -2.80
C VAL B 120 22.76 -17.49 -3.92
N ILE B 121 21.64 -18.10 -3.53
CA ILE B 121 20.59 -18.49 -4.48
C ILE B 121 19.41 -17.62 -4.07
N TRP B 122 18.94 -16.79 -4.99
CA TRP B 122 17.84 -15.86 -4.75
C TRP B 122 16.60 -16.24 -5.58
N VAL B 123 15.62 -16.86 -4.93
CA VAL B 123 14.39 -17.27 -5.60
C VAL B 123 13.40 -16.12 -5.47
N ASP B 124 13.03 -15.53 -6.60
CA ASP B 124 12.17 -14.36 -6.55
C ASP B 124 11.65 -13.98 -7.94
N ALA B 125 10.50 -13.33 -7.99
CA ALA B 125 9.94 -12.87 -9.24
C ALA B 125 10.70 -11.58 -9.57
N HIS B 126 11.35 -11.05 -8.54
CA HIS B 126 12.10 -9.79 -8.63
C HIS B 126 13.58 -9.92 -8.31
N THR B 127 14.39 -8.99 -8.82
CA THR B 127 15.83 -9.00 -8.57
C THR B 127 16.17 -8.30 -7.26
N ASP B 128 15.29 -7.40 -6.83
CA ASP B 128 15.49 -6.66 -5.59
C ASP B 128 16.88 -6.04 -5.55
N ILE B 129 17.33 -5.50 -6.68
CA ILE B 129 18.66 -4.93 -6.73
C ILE B 129 18.68 -3.42 -7.05
N ASN B 130 17.55 -2.76 -6.83
CA ASN B 130 17.48 -1.32 -7.05
C ASN B 130 18.37 -0.65 -6.01
N THR B 131 19.00 0.46 -6.40
CA THR B 131 19.85 1.19 -5.47
C THR B 131 19.03 2.38 -4.98
N PRO B 132 19.52 3.09 -3.96
CA PRO B 132 18.75 4.24 -3.47
C PRO B 132 18.47 5.24 -4.58
N LEU B 133 19.30 5.20 -5.62
CA LEU B 133 19.17 6.11 -6.75
C LEU B 133 18.50 5.57 -8.01
N THR B 134 18.08 4.30 -8.02
CA THR B 134 17.40 3.74 -9.20
C THR B 134 15.98 3.31 -8.89
N THR B 135 15.66 3.23 -7.60
CA THR B 135 14.33 2.81 -7.18
C THR B 135 13.23 3.79 -7.58
N THR B 136 12.06 3.25 -7.92
CA THR B 136 10.92 4.06 -8.33
C THR B 136 9.94 4.20 -7.18
N SER B 137 9.75 3.13 -6.43
CA SER B 137 8.82 3.13 -5.31
C SER B 137 9.42 3.63 -4.00
N GLY B 138 10.73 3.46 -3.84
CA GLY B 138 11.40 3.87 -2.62
C GLY B 138 11.29 2.82 -1.52
N ASN B 139 10.73 1.67 -1.86
CA ASN B 139 10.60 0.60 -0.87
C ASN B 139 11.86 -0.24 -0.82
N LEU B 140 12.47 -0.27 0.36
CA LEU B 140 13.72 -0.99 0.58
C LEU B 140 13.73 -2.50 0.41
N HIS B 141 12.57 -3.14 0.34
CA HIS B 141 12.55 -4.60 0.16
C HIS B 141 12.87 -4.91 -1.31
N GLY B 142 12.95 -3.87 -2.13
CA GLY B 142 13.27 -4.04 -3.53
C GLY B 142 14.65 -3.49 -3.85
N GLN B 143 15.49 -3.42 -2.83
CA GLN B 143 16.87 -2.92 -2.93
C GLN B 143 17.92 -3.71 -2.14
N PRO B 144 17.52 -4.74 -1.38
CA PRO B 144 18.51 -5.49 -0.59
C PRO B 144 19.80 -5.94 -1.25
N VAL B 145 19.72 -6.52 -2.45
CA VAL B 145 20.92 -7.00 -3.13
C VAL B 145 21.92 -5.91 -3.48
N SER B 146 21.46 -4.68 -3.69
CA SER B 146 22.38 -3.58 -4.04
C SER B 146 23.32 -3.31 -2.86
N PHE B 147 22.78 -3.35 -1.64
CA PHE B 147 23.56 -3.11 -0.42
C PHE B 147 24.58 -4.21 -0.12
N LEU B 148 24.39 -5.37 -0.75
CA LEU B 148 25.28 -6.50 -0.52
C LEU B 148 26.36 -6.68 -1.58
N LEU B 149 26.07 -6.29 -2.81
CA LEU B 149 27.03 -6.45 -3.90
C LEU B 149 28.28 -5.58 -3.82
N LYS B 150 29.43 -6.24 -3.82
CA LYS B 150 30.70 -5.53 -3.75
C LYS B 150 30.89 -4.61 -4.94
N GLU B 151 30.60 -5.10 -6.14
CA GLU B 151 30.76 -4.31 -7.35
C GLU B 151 29.88 -3.08 -7.37
N LEU B 152 28.89 -3.03 -6.48
CA LEU B 152 27.98 -1.89 -6.41
C LEU B 152 28.42 -0.86 -5.39
N LYS B 153 29.41 -1.23 -4.59
CA LYS B 153 29.96 -0.33 -3.58
C LYS B 153 30.46 0.88 -4.38
N GLY B 154 29.82 2.03 -4.18
CA GLY B 154 30.20 3.22 -4.91
C GLY B 154 28.99 3.94 -5.49
N LYS B 155 27.99 3.17 -5.88
CA LYS B 155 26.76 3.74 -6.44
C LYS B 155 25.69 3.85 -5.37
N ILE B 156 25.96 3.25 -4.22
CA ILE B 156 25.04 3.28 -3.08
C ILE B 156 25.41 4.46 -2.20
N PRO B 157 24.55 5.50 -2.15
CA PRO B 157 24.81 6.69 -1.33
C PRO B 157 24.81 6.33 0.16
N ASP B 158 25.36 7.22 0.98
CA ASP B 158 25.37 7.00 2.41
C ASP B 158 23.92 7.13 2.89
N VAL B 159 23.23 6.00 3.03
CA VAL B 159 21.84 6.01 3.46
C VAL B 159 21.71 5.81 4.96
N PRO B 160 21.12 6.80 5.65
CA PRO B 160 20.95 6.70 7.10
C PRO B 160 20.52 5.30 7.54
N GLY B 161 21.27 4.73 8.46
CA GLY B 161 20.94 3.41 8.98
C GLY B 161 21.76 2.26 8.45
N PHE B 162 22.46 2.46 7.33
CA PHE B 162 23.25 1.37 6.76
C PHE B 162 24.77 1.58 6.83
N SER B 163 25.22 2.44 7.73
CA SER B 163 26.64 2.67 7.85
C SER B 163 27.33 1.36 8.21
N TRP B 164 26.68 0.55 9.04
CA TRP B 164 27.22 -0.71 9.49
C TRP B 164 27.45 -1.74 8.38
N VAL B 165 26.88 -1.49 7.21
CA VAL B 165 26.99 -2.43 6.09
C VAL B 165 28.27 -2.42 5.26
N THR B 166 28.83 -3.60 5.03
CA THR B 166 30.02 -3.78 4.21
C THR B 166 29.64 -4.80 3.15
N PRO B 167 29.72 -4.43 1.86
CA PRO B 167 29.37 -5.35 0.77
C PRO B 167 30.10 -6.68 0.95
N CYS B 168 29.32 -7.74 1.16
CA CYS B 168 29.89 -9.07 1.41
C CYS B 168 29.69 -10.09 0.30
N ILE B 169 29.04 -9.70 -0.79
CA ILE B 169 28.80 -10.64 -1.88
C ILE B 169 29.31 -10.13 -3.23
N SER B 170 30.09 -10.96 -3.91
CA SER B 170 30.60 -10.61 -5.22
C SER B 170 29.52 -10.98 -6.24
N ALA B 171 29.43 -10.20 -7.33
CA ALA B 171 28.44 -10.44 -8.37
C ALA B 171 28.49 -11.87 -8.95
N LYS B 172 29.67 -12.47 -8.91
CA LYS B 172 29.87 -13.81 -9.45
C LYS B 172 29.40 -14.92 -8.50
N ASP B 173 29.00 -14.55 -7.29
CA ASP B 173 28.58 -15.55 -6.30
C ASP B 173 27.11 -15.61 -5.93
N ILE B 174 26.26 -15.10 -6.82
CA ILE B 174 24.82 -15.13 -6.60
C ILE B 174 24.13 -15.62 -7.86
N VAL B 175 23.03 -16.35 -7.68
CA VAL B 175 22.23 -16.85 -8.79
C VAL B 175 20.76 -16.56 -8.53
N TYR B 176 20.10 -15.97 -9.52
CA TYR B 176 18.68 -15.66 -9.44
C TYR B 176 17.87 -16.76 -10.13
N ILE B 177 16.69 -17.08 -9.59
CA ILE B 177 15.79 -18.06 -10.18
C ILE B 177 14.34 -17.58 -10.05
N GLY B 178 13.61 -17.53 -11.16
CA GLY B 178 12.21 -17.11 -11.13
C GLY B 178 11.86 -15.69 -11.57
N LEU B 179 12.85 -14.90 -11.98
CA LEU B 179 12.62 -13.51 -12.39
C LEU B 179 11.55 -13.31 -13.47
N ARG B 180 10.69 -12.31 -13.28
CA ARG B 180 9.66 -12.01 -14.28
C ARG B 180 9.10 -10.58 -14.20
N ASP B 181 9.64 -9.77 -13.30
CA ASP B 181 9.24 -8.38 -13.15
C ASP B 181 10.45 -7.59 -12.64
N VAL B 182 11.38 -7.35 -13.57
CA VAL B 182 12.64 -6.64 -13.30
C VAL B 182 12.56 -5.19 -13.81
N ASP B 183 12.95 -4.22 -12.99
CA ASP B 183 12.91 -2.82 -13.40
C ASP B 183 14.02 -2.53 -14.42
N PRO B 184 13.85 -1.50 -15.26
CA PRO B 184 14.85 -1.14 -16.27
C PRO B 184 16.30 -1.05 -15.78
N GLY B 185 16.52 -0.30 -14.69
CA GLY B 185 17.85 -0.17 -14.14
C GLY B 185 18.38 -1.48 -13.56
N GLU B 186 17.48 -2.25 -12.95
CA GLU B 186 17.87 -3.53 -12.38
C GLU B 186 18.41 -4.45 -13.46
N HIS B 187 17.76 -4.42 -14.63
CA HIS B 187 18.17 -5.25 -15.75
C HIS B 187 19.55 -4.76 -16.20
N TYR B 188 19.73 -3.45 -16.23
CA TYR B 188 20.99 -2.85 -16.65
C TYR B 188 22.12 -3.34 -15.74
N ILE B 189 21.84 -3.39 -14.44
CA ILE B 189 22.82 -3.87 -13.48
C ILE B 189 23.08 -5.35 -13.71
N LEU B 190 22.02 -6.13 -13.90
CA LEU B 190 22.17 -7.57 -14.16
C LEU B 190 23.15 -7.80 -15.30
N LYS B 191 22.83 -7.22 -16.44
CA LYS B 191 23.62 -7.33 -17.66
C LYS B 191 25.01 -6.71 -17.61
N THR B 192 25.15 -5.58 -16.93
CA THR B 192 26.44 -4.91 -16.82
C THR B 192 27.42 -5.63 -15.90
N LEU B 193 26.95 -6.10 -14.75
CA LEU B 193 27.82 -6.79 -13.81
C LEU B 193 27.92 -8.29 -14.11
N GLY B 194 27.08 -8.77 -15.01
CA GLY B 194 27.10 -10.17 -15.40
C GLY B 194 26.62 -11.15 -14.34
N ILE B 195 25.57 -10.77 -13.62
CA ILE B 195 25.01 -11.60 -12.57
C ILE B 195 24.22 -12.76 -13.19
N LYS B 196 24.54 -13.99 -12.78
CA LYS B 196 23.87 -15.17 -13.29
C LYS B 196 22.40 -15.21 -12.89
N TYR B 197 21.54 -15.46 -13.86
CA TYR B 197 20.11 -15.51 -13.59
C TYR B 197 19.39 -16.50 -14.50
N PHE B 198 18.31 -17.06 -13.96
CA PHE B 198 17.44 -17.97 -14.68
C PHE B 198 16.06 -17.35 -14.53
N SER B 199 15.67 -16.48 -15.46
CA SER B 199 14.35 -15.87 -15.37
C SER B 199 13.35 -16.96 -15.78
N MET B 200 12.05 -16.64 -15.70
CA MET B 200 11.05 -17.63 -16.07
C MET B 200 11.27 -18.11 -17.50
N THR B 201 11.85 -17.25 -18.32
CA THR B 201 12.15 -17.58 -19.71
C THR B 201 13.13 -18.77 -19.78
N GLU B 202 14.18 -18.72 -18.96
CA GLU B 202 15.18 -19.78 -18.90
C GLU B 202 14.60 -21.05 -18.26
N VAL B 203 13.73 -20.87 -17.26
CA VAL B 203 13.09 -22.00 -16.61
C VAL B 203 12.22 -22.71 -17.67
N ASP B 204 11.50 -21.92 -18.45
CA ASP B 204 10.65 -22.45 -19.53
C ASP B 204 11.48 -23.18 -20.57
N ARG B 205 12.63 -22.61 -20.89
CA ARG B 205 13.52 -23.17 -21.88
C ARG B 205 14.22 -24.45 -21.44
N LEU B 206 14.85 -24.38 -20.27
CA LEU B 206 15.61 -25.50 -19.74
C LEU B 206 14.87 -26.57 -18.94
N GLY B 207 13.81 -26.18 -18.24
CA GLY B 207 13.12 -27.12 -17.40
C GLY B 207 13.83 -26.88 -16.06
N ILE B 208 13.11 -27.04 -14.96
CA ILE B 208 13.72 -26.77 -13.66
C ILE B 208 14.87 -27.73 -13.31
N GLY B 209 14.87 -28.90 -13.92
CA GLY B 209 15.94 -29.86 -13.67
C GLY B 209 17.29 -29.32 -14.13
N LYS B 210 17.35 -28.89 -15.38
CA LYS B 210 18.60 -28.35 -15.94
C LYS B 210 18.94 -27.02 -15.27
N VAL B 211 17.93 -26.30 -14.79
CA VAL B 211 18.15 -25.03 -14.10
C VAL B 211 18.93 -25.25 -12.80
N MET B 212 18.56 -26.29 -12.06
CA MET B 212 19.23 -26.58 -10.79
C MET B 212 20.61 -27.17 -10.98
N GLU B 213 20.77 -27.91 -12.07
CA GLU B 213 22.05 -28.52 -12.36
C GLU B 213 23.05 -27.41 -12.71
N GLU B 214 22.63 -26.50 -13.58
CA GLU B 214 23.47 -25.39 -14.00
C GLU B 214 23.71 -24.37 -12.89
N THR B 215 22.71 -24.15 -12.05
CA THR B 215 22.84 -23.23 -10.92
C THR B 215 23.88 -23.77 -9.93
N LEU B 216 23.74 -25.04 -9.56
CA LEU B 216 24.67 -25.64 -8.59
C LEU B 216 26.08 -25.78 -9.15
N SER B 217 26.22 -26.06 -10.44
CA SER B 217 27.53 -26.17 -11.04
C SER B 217 28.17 -24.79 -11.10
N TYR B 218 27.35 -23.78 -11.35
CA TYR B 218 27.85 -22.41 -11.42
C TYR B 218 28.36 -21.94 -10.05
N LEU B 219 27.63 -22.27 -8.99
CA LEU B 219 28.02 -21.85 -7.64
C LEU B 219 29.01 -22.78 -6.94
N LEU B 220 28.91 -24.09 -7.18
CA LEU B 220 29.78 -25.04 -6.51
C LEU B 220 30.87 -25.67 -7.38
N GLY B 221 31.01 -25.15 -8.60
CA GLY B 221 32.02 -25.67 -9.51
C GLY B 221 33.43 -25.50 -8.96
N ARG B 222 33.94 -24.26 -8.97
CA ARG B 222 35.29 -23.99 -8.47
C ARG B 222 35.54 -24.70 -7.15
N LYS B 223 34.69 -24.46 -6.15
CA LYS B 223 34.84 -25.11 -4.86
C LYS B 223 33.52 -25.19 -4.11
N LYS B 224 33.43 -26.18 -3.22
CA LYS B 224 32.22 -26.39 -2.43
C LYS B 224 32.20 -25.45 -1.23
N ARG B 225 31.31 -24.47 -1.26
CA ARG B 225 31.20 -23.52 -0.16
C ARG B 225 29.75 -23.40 0.32
N PRO B 226 29.55 -22.80 1.51
CA PRO B 226 28.21 -22.62 2.09
C PRO B 226 27.21 -21.96 1.15
N ILE B 227 25.95 -22.38 1.28
CA ILE B 227 24.87 -21.84 0.44
C ILE B 227 23.83 -21.08 1.25
N HIS B 228 23.50 -19.88 0.79
CA HIS B 228 22.47 -19.08 1.44
C HIS B 228 21.31 -18.97 0.45
N LEU B 229 20.15 -19.48 0.84
CA LEU B 229 18.96 -19.43 0.01
C LEU B 229 17.98 -18.38 0.54
N SER B 230 17.76 -17.32 -0.25
CA SER B 230 16.82 -16.29 0.15
C SER B 230 15.58 -16.53 -0.71
N PHE B 231 14.54 -17.10 -0.09
CA PHE B 231 13.31 -17.44 -0.78
C PHE B 231 12.18 -16.42 -0.56
N ASP B 232 11.80 -15.74 -1.64
CA ASP B 232 10.71 -14.77 -1.60
C ASP B 232 9.54 -15.57 -2.13
N VAL B 233 8.51 -15.76 -1.30
CA VAL B 233 7.35 -16.53 -1.72
C VAL B 233 6.72 -16.02 -3.01
N ASP B 234 6.94 -14.74 -3.35
CA ASP B 234 6.36 -14.24 -4.59
C ASP B 234 7.11 -14.73 -5.81
N GLY B 235 8.04 -15.66 -5.59
CA GLY B 235 8.79 -16.26 -6.68
C GLY B 235 7.92 -17.36 -7.29
N LEU B 236 7.05 -17.93 -6.45
CA LEU B 236 6.13 -18.97 -6.89
C LEU B 236 4.86 -18.28 -7.40
N ASP B 237 4.15 -18.92 -8.34
CA ASP B 237 2.96 -18.34 -8.92
C ASP B 237 1.91 -18.01 -7.87
N PRO B 238 1.23 -16.87 -8.03
CA PRO B 238 0.20 -16.49 -7.05
C PRO B 238 -0.96 -17.47 -6.88
N SER B 239 -1.01 -18.51 -7.72
CA SER B 239 -2.08 -19.51 -7.58
C SER B 239 -1.68 -20.44 -6.43
N PHE B 240 -0.43 -20.31 -5.98
CA PHE B 240 0.10 -21.13 -4.88
C PHE B 240 0.41 -20.27 -3.66
N THR B 241 0.92 -19.07 -3.88
CA THR B 241 1.26 -18.17 -2.80
C THR B 241 0.62 -16.79 -2.99
N PRO B 242 -0.73 -16.74 -3.00
CA PRO B 242 -1.47 -15.50 -3.18
C PRO B 242 -1.26 -14.41 -2.12
N ALA B 243 -1.19 -14.80 -0.85
CA ALA B 243 -1.02 -13.86 0.26
C ALA B 243 0.40 -13.29 0.35
N THR B 244 0.72 -12.39 -0.57
CA THR B 244 2.04 -11.77 -0.63
C THR B 244 1.88 -10.37 -1.25
N GLY B 245 2.71 -9.44 -0.80
CA GLY B 245 2.66 -8.06 -1.26
C GLY B 245 2.75 -7.74 -2.75
N THR B 246 3.66 -8.40 -3.46
CA THR B 246 3.85 -8.14 -4.88
C THR B 246 3.77 -9.38 -5.76
N PRO B 247 2.55 -9.89 -6.01
CA PRO B 247 2.37 -11.09 -6.84
C PRO B 247 2.51 -10.81 -8.33
N VAL B 248 3.10 -11.76 -9.06
CA VAL B 248 3.28 -11.65 -10.50
C VAL B 248 2.89 -12.97 -11.17
N VAL B 249 2.01 -12.89 -12.16
CA VAL B 249 1.54 -14.08 -12.88
C VAL B 249 2.66 -14.84 -13.58
N GLY B 250 2.41 -16.10 -13.89
CA GLY B 250 3.39 -16.94 -14.57
C GLY B 250 4.64 -17.27 -13.77
N GLY B 251 4.45 -17.55 -12.48
CA GLY B 251 5.59 -17.85 -11.62
C GLY B 251 5.97 -19.32 -11.54
N LEU B 252 6.84 -19.64 -10.58
CA LEU B 252 7.27 -21.03 -10.39
C LEU B 252 6.12 -21.84 -9.80
N THR B 253 5.98 -23.08 -10.24
CA THR B 253 4.91 -23.93 -9.74
C THR B 253 5.29 -24.50 -8.38
N TYR B 254 4.30 -25.08 -7.70
CA TYR B 254 4.49 -25.71 -6.41
C TYR B 254 5.61 -26.74 -6.59
N ARG B 255 5.44 -27.62 -7.57
CA ARG B 255 6.42 -28.66 -7.88
C ARG B 255 7.84 -28.12 -8.11
N GLU B 256 7.95 -27.00 -8.83
CA GLU B 256 9.25 -26.42 -9.11
C GLU B 256 9.87 -25.81 -7.86
N GLY B 257 9.03 -25.37 -6.93
CA GLY B 257 9.52 -24.80 -5.68
C GLY B 257 10.11 -25.92 -4.86
N LEU B 258 9.42 -27.06 -4.83
CA LEU B 258 9.88 -28.22 -4.08
C LEU B 258 11.14 -28.79 -4.71
N TYR B 259 11.20 -28.81 -6.04
CA TYR B 259 12.39 -29.34 -6.71
C TYR B 259 13.62 -28.51 -6.39
N ILE B 260 13.47 -27.19 -6.46
CA ILE B 260 14.55 -26.26 -6.18
C ILE B 260 15.16 -26.59 -4.84
N THR B 261 14.31 -26.63 -3.82
CA THR B 261 14.72 -26.87 -2.45
C THR B 261 15.17 -28.31 -2.16
N GLU B 262 14.59 -29.29 -2.84
CA GLU B 262 15.02 -30.67 -2.62
C GLU B 262 16.46 -30.86 -3.12
N GLU B 263 16.80 -30.19 -4.22
CA GLU B 263 18.15 -30.28 -4.79
C GLU B 263 19.18 -29.53 -3.94
N ILE B 264 18.78 -28.40 -3.35
CA ILE B 264 19.71 -27.65 -2.52
C ILE B 264 20.01 -28.45 -1.25
N TYR B 265 19.01 -29.15 -0.74
CA TYR B 265 19.19 -29.96 0.46
C TYR B 265 20.24 -31.05 0.25
N LYS B 266 20.17 -31.72 -0.90
CA LYS B 266 21.09 -32.82 -1.21
C LYS B 266 22.54 -32.44 -1.41
N THR B 267 22.84 -31.15 -1.58
CA THR B 267 24.23 -30.71 -1.74
C THR B 267 24.89 -30.86 -0.38
N GLY B 268 24.07 -30.73 0.66
CA GLY B 268 24.55 -30.82 2.03
C GLY B 268 25.28 -29.54 2.40
N LEU B 269 25.09 -28.48 1.61
CA LEU B 269 25.75 -27.21 1.88
C LEU B 269 24.86 -26.07 2.30
N LEU B 270 23.56 -26.31 2.48
CA LEU B 270 22.66 -25.24 2.90
C LEU B 270 23.20 -24.73 4.24
N SER B 271 23.37 -23.42 4.35
CA SER B 271 23.90 -22.82 5.57
C SER B 271 22.97 -21.75 6.15
N GLY B 272 22.18 -21.14 5.27
CA GLY B 272 21.25 -20.11 5.69
C GLY B 272 20.02 -20.11 4.82
N LEU B 273 18.85 -19.86 5.41
CA LEU B 273 17.59 -19.84 4.67
C LEU B 273 16.66 -18.73 5.10
N ASP B 274 16.03 -18.07 4.13
CA ASP B 274 15.08 -17.00 4.40
C ASP B 274 13.75 -17.37 3.76
N ILE B 275 12.66 -17.17 4.51
CA ILE B 275 11.31 -17.41 4.01
C ILE B 275 10.65 -16.04 4.14
N MET B 276 10.69 -15.27 3.07
CA MET B 276 10.17 -13.90 3.06
C MET B 276 8.87 -13.61 2.32
N GLU B 277 8.31 -12.44 2.65
CA GLU B 277 7.11 -11.88 2.07
C GLU B 277 5.76 -12.56 2.26
N VAL B 278 5.65 -13.46 3.22
CA VAL B 278 4.34 -14.08 3.47
C VAL B 278 3.50 -13.02 4.23
N ASN B 279 2.37 -12.62 3.65
CA ASN B 279 1.52 -11.60 4.28
C ASN B 279 0.08 -12.10 4.38
N PRO B 280 -0.28 -12.76 5.49
CA PRO B 280 -1.62 -13.29 5.70
C PRO B 280 -2.80 -12.36 5.39
N SER B 281 -2.72 -11.11 5.83
CA SER B 281 -3.79 -10.14 5.60
C SER B 281 -4.08 -9.84 4.13
N LEU B 282 -3.20 -10.30 3.24
CA LEU B 282 -3.39 -10.05 1.83
C LEU B 282 -4.10 -11.20 1.12
N GLY B 283 -4.34 -12.29 1.84
CA GLY B 283 -5.06 -13.39 1.24
C GLY B 283 -6.48 -12.90 1.06
N LYS B 284 -7.11 -13.20 -0.06
CA LYS B 284 -8.47 -12.74 -0.30
C LYS B 284 -9.52 -13.55 0.49
N THR B 285 -9.12 -14.73 0.95
CA THR B 285 -10.00 -15.61 1.72
C THR B 285 -9.13 -16.33 2.74
N PRO B 286 -9.75 -16.90 3.78
CA PRO B 286 -8.93 -17.62 4.77
C PRO B 286 -8.17 -18.75 4.07
N GLU B 287 -8.79 -19.32 3.05
CA GLU B 287 -8.19 -20.39 2.26
C GLU B 287 -6.92 -19.92 1.53
N GLU B 288 -6.94 -18.71 0.98
CA GLU B 288 -5.76 -18.21 0.29
C GLU B 288 -4.61 -18.06 1.28
N VAL B 289 -4.95 -17.84 2.54
CA VAL B 289 -3.94 -17.69 3.59
C VAL B 289 -3.31 -19.04 3.93
N THR B 290 -4.14 -20.05 4.17
CA THR B 290 -3.60 -21.37 4.49
C THR B 290 -2.81 -21.92 3.30
N ARG B 291 -3.26 -21.61 2.09
CA ARG B 291 -2.57 -22.09 0.90
C ARG B 291 -1.18 -21.51 0.81
N THR B 292 -1.07 -20.22 1.12
CA THR B 292 0.21 -19.52 1.09
C THR B 292 1.14 -20.03 2.20
N VAL B 293 0.63 -20.07 3.43
CA VAL B 293 1.41 -20.52 4.57
C VAL B 293 1.85 -21.98 4.40
N ASN B 294 0.93 -22.87 4.01
CA ASN B 294 1.28 -24.27 3.83
C ASN B 294 2.35 -24.49 2.76
N THR B 295 2.29 -23.69 1.69
CA THR B 295 3.28 -23.80 0.62
C THR B 295 4.64 -23.42 1.17
N ALA B 296 4.68 -22.30 1.91
CA ALA B 296 5.92 -21.81 2.51
C ALA B 296 6.50 -22.88 3.43
N VAL B 297 5.63 -23.48 4.25
CA VAL B 297 6.05 -24.53 5.18
C VAL B 297 6.59 -25.74 4.43
N ALA B 298 5.89 -26.14 3.37
CA ALA B 298 6.29 -27.28 2.56
C ALA B 298 7.65 -27.02 1.94
N ILE B 299 7.87 -25.78 1.51
CA ILE B 299 9.12 -25.35 0.89
C ILE B 299 10.25 -25.45 1.90
N THR B 300 9.99 -24.96 3.11
CA THR B 300 10.98 -24.99 4.16
C THR B 300 11.36 -26.43 4.54
N LEU B 301 10.35 -27.29 4.71
CA LEU B 301 10.60 -28.67 5.09
C LEU B 301 11.48 -29.45 4.08
N ALA B 302 11.36 -29.13 2.79
CA ALA B 302 12.17 -29.79 1.76
C ALA B 302 13.63 -29.35 1.88
N CYS B 303 13.84 -28.11 2.33
CA CYS B 303 15.19 -27.61 2.50
C CYS B 303 15.93 -28.40 3.57
N PHE B 304 15.16 -29.04 4.45
CA PHE B 304 15.77 -29.81 5.53
C PHE B 304 15.54 -31.31 5.43
N GLY B 305 15.41 -31.81 4.21
CA GLY B 305 15.27 -33.25 4.04
C GLY B 305 13.98 -33.93 3.59
N LEU B 306 12.83 -33.27 3.72
CA LEU B 306 11.59 -33.90 3.30
C LEU B 306 11.60 -34.10 1.78
N ALA B 307 11.63 -35.36 1.35
CA ALA B 307 11.67 -35.69 -0.07
C ALA B 307 10.37 -36.34 -0.50
N ARG B 308 9.91 -35.99 -1.70
CA ARG B 308 8.67 -36.53 -2.23
C ARG B 308 8.72 -38.03 -2.52
N GLU B 309 9.92 -38.56 -2.74
CA GLU B 309 10.06 -40.00 -3.00
C GLU B 309 9.87 -40.75 -1.68
N GLY B 310 9.87 -40.00 -0.59
CA GLY B 310 9.70 -40.58 0.72
C GLY B 310 10.96 -40.44 1.56
N ASN B 311 10.83 -40.77 2.84
CA ASN B 311 11.95 -40.69 3.77
C ASN B 311 11.80 -41.83 4.77
N HIS B 312 12.90 -42.27 5.35
CA HIS B 312 12.88 -43.32 6.35
C HIS B 312 14.11 -43.18 7.23
N LYS B 313 13.94 -43.45 8.52
CA LYS B 313 15.05 -43.34 9.47
C LYS B 313 15.89 -44.60 9.39
N PRO B 314 17.16 -44.52 9.84
CA PRO B 314 18.08 -45.67 9.80
C PRO B 314 17.69 -46.82 10.73
N ILE B 315 16.65 -47.56 10.35
CA ILE B 315 16.19 -48.71 11.13
C ILE B 315 15.68 -49.77 10.15
N ASP B 316 15.25 -50.92 10.67
CA ASP B 316 14.75 -51.98 9.81
C ASP B 316 13.22 -52.07 9.91
N TYR B 317 12.55 -51.70 8.82
CA TYR B 317 11.09 -51.70 8.77
C TYR B 317 10.43 -53.06 8.53
N LEU B 318 11.19 -54.02 8.00
CA LEU B 318 10.64 -55.34 7.73
C LEU B 318 11.13 -56.40 8.73
N ASN B 319 12.44 -56.56 8.82
CA ASN B 319 13.07 -57.52 9.72
C ASN B 319 13.12 -58.91 9.08
NI NI C . -15.95 12.53 5.41
NI NI D . -15.16 13.92 8.20
N ABH E . -15.76 7.28 11.99
CA ABH E . -17.10 7.73 12.39
C ABH E . -18.15 6.74 11.90
O ABH E . -17.82 5.79 11.23
OT ABH E . -19.44 6.91 12.22
CB ABH E . -17.39 9.15 11.88
CG ABH E . -17.26 9.25 10.35
CD ABH E . -17.57 10.66 9.87
CE ABH E . -18.02 10.61 8.40
B ABH E . -17.60 11.93 7.59
O2 ABH E . -18.09 11.85 6.31
O1 ABH E . -16.24 12.05 7.55
O3 ABH E . -18.14 13.05 8.17
NI NI F . 12.10 -10.20 -2.92
NI NI G . 9.73 -10.60 -4.95
N ABH H . 10.94 -3.80 -8.15
CA ABH H . 9.91 -3.25 -7.26
C ABH H . 10.52 -2.22 -6.33
O ABH H . 11.72 -2.07 -6.30
OT ABH H . 9.73 -1.47 -5.55
CB ABH H . 9.21 -4.38 -6.46
CG ABH H . 10.22 -5.21 -5.65
CD ABH H . 9.46 -6.21 -4.77
CE ABH H . 10.30 -6.53 -3.52
B ABH H . 10.21 -8.11 -3.15
O2 ABH H . 10.90 -8.34 -1.99
O1 ABH H . 10.77 -8.84 -4.16
O3 ABH H . 8.89 -8.48 -2.97
#